data_7BL9
#
_entry.id   7BL9
#
_cell.length_a   44.271
_cell.length_b   56.802
_cell.length_c   76.623
_cell.angle_alpha   90.000
_cell.angle_beta   90.000
_cell.angle_gamma   90.000
#
_symmetry.space_group_name_H-M   'C 2 2 21'
#
loop_
_entity.id
_entity.type
_entity.pdbx_description
1 polymer 'Bromodomain adjacent to zinc finger domain protein 2A'
2 non-polymer 1-{1-[2-(methylsulfonyl)phenyl]-7-propoxyindolizin-3-yl}ethanone
3 non-polymer 1,2-ETHANEDIOL
4 water water
#
_entity_poly.entity_id   1
_entity_poly.type   'polypeptide(L)'
_entity_poly.pdbx_seq_one_letter_code
;SMHSDLTFCEIILMEMESHDAAWPFLEPVNPRLVSGYRRIIKNPMDFSTMRERLLRGGYTSSEEFAADALLVFDNCQTFN
EDDSEVGKAGHIMRRFFESRWEEFY
;
_entity_poly.pdbx_strand_id   A
#
loop_
_chem_comp.id
_chem_comp.type
_chem_comp.name
_chem_comp.formula
3WQ non-polymer 1-{1-[2-(methylsulfonyl)phenyl]-7-propoxyindolizin-3-yl}ethanone 'C20 H21 N O4 S'
EDO non-polymer 1,2-ETHANEDIOL 'C2 H6 O2'
#
# COMPACT_ATOMS: atom_id res chain seq x y z
N SER A 1 14.53 7.44 -15.45
CA SER A 1 14.08 8.82 -15.56
C SER A 1 12.83 9.00 -14.70
N MET A 2 12.44 10.24 -14.45
CA MET A 2 11.20 10.46 -13.72
C MET A 2 10.03 9.78 -14.43
N HIS A 3 9.96 9.95 -15.75
CA HIS A 3 8.89 9.34 -16.51
C HIS A 3 8.90 7.82 -16.37
N SER A 4 10.06 7.19 -16.54
CA SER A 4 10.08 5.73 -16.49
C SER A 4 9.76 5.23 -15.09
N ASP A 5 10.21 5.95 -14.08
CA ASP A 5 9.97 5.62 -12.66
C ASP A 5 8.47 5.67 -12.41
N LEU A 6 7.83 6.75 -12.76
CA LEU A 6 6.41 6.89 -12.46
C LEU A 6 5.57 5.94 -13.32
N THR A 7 6.03 5.60 -14.51
CA THR A 7 5.36 4.57 -15.31
C THR A 7 5.31 3.25 -14.56
N PHE A 8 6.43 2.80 -14.03
CA PHE A 8 6.43 1.52 -13.32
C PHE A 8 5.57 1.59 -12.07
N CYS A 9 5.59 2.74 -11.38
CA CYS A 9 4.76 2.87 -10.19
C CYS A 9 3.28 2.77 -10.54
N GLU A 10 2.88 3.38 -11.65
CA GLU A 10 1.49 3.23 -12.09
C GLU A 10 1.14 1.77 -12.36
N ILE A 11 2.05 1.04 -13.00
CA ILE A 11 1.80 -0.37 -13.28
C ILE A 11 1.62 -1.14 -11.99
N ILE A 12 2.57 -0.99 -11.06
CA ILE A 12 2.49 -1.79 -9.85
CA ILE A 12 2.54 -1.73 -9.81
C ILE A 12 1.31 -1.38 -8.99
N LEU A 13 0.96 -0.09 -8.96
CA LEU A 13 -0.24 0.30 -8.23
C LEU A 13 -1.49 -0.37 -8.81
N MET A 14 -1.62 -0.38 -10.14
CA MET A 14 -2.76 -1.06 -10.75
C MET A 14 -2.76 -2.54 -10.41
N GLU A 15 -1.60 -3.19 -10.49
CA GLU A 15 -1.50 -4.61 -10.15
C GLU A 15 -1.89 -4.87 -8.71
N MET A 16 -1.47 -4.01 -7.79
CA MET A 16 -1.87 -4.15 -6.39
C MET A 16 -3.36 -3.92 -6.20
N GLU A 17 -3.90 -2.85 -6.80
CA GLU A 17 -5.32 -2.54 -6.63
C GLU A 17 -6.20 -3.67 -7.14
N SER A 18 -5.74 -4.40 -8.15
CA SER A 18 -6.54 -5.45 -8.78
CA SER A 18 -6.49 -5.45 -8.82
C SER A 18 -6.21 -6.85 -8.27
N HIS A 19 -5.35 -6.95 -7.26
CA HIS A 19 -4.94 -8.23 -6.71
C HIS A 19 -6.05 -8.83 -5.84
N ASP A 20 -6.08 -10.17 -5.79
CA ASP A 20 -7.05 -10.87 -4.98
C ASP A 20 -7.01 -10.45 -3.52
N ALA A 21 -5.83 -10.10 -2.99
CA ALA A 21 -5.66 -9.77 -1.59
C ALA A 21 -5.72 -8.27 -1.31
N ALA A 22 -6.20 -7.47 -2.26
CA ALA A 22 -6.18 -6.02 -2.12
C ALA A 22 -7.35 -5.48 -1.32
N TRP A 23 -8.37 -6.31 -1.08
CA TRP A 23 -9.65 -5.82 -0.54
C TRP A 23 -9.55 -5.03 0.76
N PRO A 24 -8.59 -5.22 1.67
CA PRO A 24 -8.51 -4.34 2.85
C PRO A 24 -7.85 -3.00 2.64
N PHE A 25 -7.29 -2.74 1.45
CA PHE A 25 -6.32 -1.67 1.25
C PHE A 25 -6.77 -0.64 0.22
N LEU A 26 -8.05 -0.65 -0.16
CA LEU A 26 -8.55 0.18 -1.25
C LEU A 26 -9.07 1.54 -0.79
N GLU A 27 -9.29 1.74 0.49
CA GLU A 27 -9.70 3.04 1.01
C GLU A 27 -9.04 3.18 2.38
N PRO A 28 -9.06 4.37 2.96
CA PRO A 28 -8.53 4.53 4.32
C PRO A 28 -9.42 3.80 5.31
N VAL A 29 -8.81 3.34 6.40
CA VAL A 29 -9.62 2.90 7.54
C VAL A 29 -10.24 4.13 8.18
N ASN A 30 -11.52 4.06 8.50
CA ASN A 30 -12.23 5.21 9.06
C ASN A 30 -12.07 5.22 10.57
N PRO A 31 -11.36 6.20 11.15
CA PRO A 31 -11.14 6.15 12.60
C PRO A 31 -12.38 6.43 13.42
N ARG A 32 -13.42 7.00 12.82
CA ARG A 32 -14.70 7.14 13.52
C ARG A 32 -15.39 5.79 13.66
N LEU A 33 -15.17 4.89 12.69
CA LEU A 33 -15.69 3.53 12.80
C LEU A 33 -14.77 2.65 13.63
N VAL A 34 -13.47 2.69 13.33
CA VAL A 34 -12.49 1.88 14.03
C VAL A 34 -11.86 2.81 15.04
N SER A 35 -12.50 2.92 16.21
CA SER A 35 -12.24 4.05 17.09
C SER A 35 -10.75 4.19 17.43
N GLY A 36 -10.13 3.11 17.89
CA GLY A 36 -8.75 3.20 18.32
C GLY A 36 -7.70 3.19 17.22
N TYR A 37 -8.12 3.28 15.96
CA TYR A 37 -7.17 3.08 14.86
C TYR A 37 -6.10 4.16 14.85
N ARG A 38 -6.48 5.42 14.95
CA ARG A 38 -5.47 6.48 14.84
CA ARG A 38 -5.47 6.48 14.84
C ARG A 38 -4.69 6.68 16.13
N ARG A 39 -5.00 6.00 17.23
CA ARG A 39 -4.12 5.92 18.42
C ARG A 39 -3.01 4.91 18.17
N ILE A 40 -3.26 3.88 17.36
CA ILE A 40 -2.29 2.83 17.11
C ILE A 40 -1.49 3.11 15.84
N ILE A 41 -2.16 3.63 14.82
CA ILE A 41 -1.60 3.88 13.50
C ILE A 41 -1.49 5.39 13.36
N LYS A 42 -0.28 5.90 13.51
CA LYS A 42 -0.04 7.33 13.46
C LYS A 42 0.14 7.85 12.04
N ASN A 43 0.44 6.98 11.08
CA ASN A 43 0.70 7.38 9.70
C ASN A 43 -0.12 6.50 8.77
N PRO A 44 -1.43 6.74 8.67
CA PRO A 44 -2.27 5.88 7.83
C PRO A 44 -1.87 5.99 6.38
N MET A 45 -2.07 4.90 5.64
CA MET A 45 -1.83 4.87 4.22
C MET A 45 -2.66 3.75 3.62
N ASP A 46 -3.06 3.94 2.37
CA ASP A 46 -3.84 2.95 1.63
C ASP A 46 -3.63 3.21 0.14
N PHE A 47 -4.09 2.27 -0.68
CA PHE A 47 -3.85 2.38 -2.12
C PHE A 47 -4.53 3.59 -2.75
N SER A 48 -5.72 4.00 -2.26
CA SER A 48 -6.38 5.13 -2.89
C SER A 48 -5.66 6.43 -2.59
N THR A 49 -5.05 6.53 -1.40
CA THR A 49 -4.25 7.70 -1.08
C THR A 49 -2.97 7.72 -1.89
N MET A 50 -2.36 6.56 -2.11
CA MET A 50 -1.22 6.47 -3.01
C MET A 50 -1.58 6.89 -4.43
N ARG A 51 -2.74 6.43 -4.93
CA ARG A 51 -3.15 6.83 -6.26
C ARG A 51 -3.31 8.34 -6.36
N GLU A 52 -3.94 8.95 -5.36
CA GLU A 52 -4.11 10.40 -5.40
C GLU A 52 -2.75 11.10 -5.45
N ARG A 53 -1.79 10.64 -4.64
CA ARG A 53 -0.46 11.25 -4.62
C ARG A 53 0.22 11.09 -5.97
N LEU A 54 0.15 9.89 -6.55
CA LEU A 54 0.81 9.61 -7.81
C LEU A 54 0.23 10.47 -8.94
N LEU A 55 -1.07 10.45 -9.11
CA LEU A 55 -1.75 11.15 -10.21
C LEU A 55 -1.51 12.66 -10.06
N ARG A 56 -1.18 13.20 -8.89
CA ARG A 56 -0.92 14.62 -8.75
C ARG A 56 0.52 14.98 -9.09
N GLY A 57 1.46 14.11 -8.74
CA GLY A 57 2.87 14.42 -8.78
C GLY A 57 3.54 14.49 -7.43
N GLY A 58 2.93 13.95 -6.37
CA GLY A 58 3.47 14.00 -5.03
C GLY A 58 4.69 13.11 -4.81
N TYR A 59 4.93 12.16 -5.69
CA TYR A 59 6.12 11.31 -5.59
C TYR A 59 7.18 11.81 -6.55
N THR A 60 8.39 11.99 -6.06
CA THR A 60 9.50 12.39 -6.92
C THR A 60 10.46 11.26 -7.22
N SER A 61 10.24 10.07 -6.66
CA SER A 61 11.09 8.94 -6.93
C SER A 61 10.26 7.69 -6.74
N SER A 62 10.65 6.63 -7.42
CA SER A 62 9.99 5.35 -7.20
C SER A 62 10.12 4.90 -5.75
N GLU A 63 11.25 5.20 -5.11
CA GLU A 63 11.42 4.77 -3.72
C GLU A 63 10.44 5.46 -2.78
N GLU A 64 10.02 6.70 -3.09
CA GLU A 64 9.04 7.34 -2.22
C GLU A 64 7.68 6.65 -2.34
N PHE A 65 7.29 6.29 -3.56
CA PHE A 65 6.08 5.49 -3.76
C PHE A 65 6.17 4.18 -2.99
N ALA A 66 7.32 3.51 -3.11
CA ALA A 66 7.51 2.22 -2.45
C ALA A 66 7.44 2.34 -0.93
N ALA A 67 7.96 3.42 -0.37
CA ALA A 67 7.92 3.60 1.08
C ALA A 67 6.47 3.67 1.57
N ASP A 68 5.59 4.29 0.78
CA ASP A 68 4.18 4.33 1.17
C ASP A 68 3.55 2.94 1.09
N ALA A 69 3.91 2.15 0.07
CA ALA A 69 3.41 0.79 0.00
C ALA A 69 3.83 0.00 1.24
N LEU A 70 5.10 0.09 1.61
CA LEU A 70 5.59 -0.67 2.77
C LEU A 70 4.90 -0.19 4.05
N LEU A 71 4.61 1.10 4.14
CA LEU A 71 3.87 1.63 5.28
C LEU A 71 2.47 1.03 5.36
N VAL A 72 1.77 0.85 4.21
CA VAL A 72 0.48 0.16 4.24
C VAL A 72 0.63 -1.18 4.94
N PHE A 73 1.65 -1.95 4.55
CA PHE A 73 1.79 -3.30 5.08
C PHE A 73 2.25 -3.28 6.53
N ASP A 74 3.13 -2.34 6.89
CA ASP A 74 3.54 -2.21 8.29
C ASP A 74 2.37 -1.86 9.18
N ASN A 75 1.52 -0.93 8.73
CA ASN A 75 0.34 -0.58 9.51
C ASN A 75 -0.58 -1.79 9.69
N CYS A 76 -0.76 -2.56 8.62
CA CYS A 76 -1.62 -3.74 8.70
C CYS A 76 -1.10 -4.72 9.72
N GLN A 77 0.22 -4.95 9.73
CA GLN A 77 0.85 -5.85 10.69
C GLN A 77 0.75 -5.33 12.12
N THR A 78 0.84 -4.02 12.30
CA THR A 78 0.70 -3.46 13.64
C THR A 78 -0.71 -3.63 14.19
N PHE A 79 -1.72 -3.38 13.37
CA PHE A 79 -3.08 -3.29 13.88
C PHE A 79 -3.82 -4.63 13.91
N ASN A 80 -3.56 -5.52 12.96
CA ASN A 80 -4.35 -6.72 12.77
C ASN A 80 -3.57 -7.95 13.21
N GLU A 81 -4.28 -8.93 13.76
CA GLU A 81 -3.65 -10.19 14.13
C GLU A 81 -3.21 -10.94 12.88
N ASP A 82 -2.13 -11.70 13.01
CA ASP A 82 -1.62 -12.47 11.90
C ASP A 82 -2.59 -13.54 11.46
N ASP A 83 -3.47 -14.02 12.34
CA ASP A 83 -4.41 -15.06 11.97
C ASP A 83 -5.71 -14.51 11.37
N SER A 84 -5.86 -13.20 11.31
CA SER A 84 -7.04 -12.59 10.72
C SER A 84 -6.94 -12.56 9.20
N GLU A 85 -8.09 -12.51 8.55
CA GLU A 85 -8.07 -12.45 7.08
C GLU A 85 -7.40 -11.17 6.60
N VAL A 86 -7.63 -10.04 7.28
CA VAL A 86 -6.95 -8.80 6.88
C VAL A 86 -5.45 -8.93 7.08
N GLY A 87 -5.03 -9.46 8.22
CA GLY A 87 -3.61 -9.65 8.47
C GLY A 87 -2.95 -10.53 7.42
N LYS A 88 -3.59 -11.64 7.07
CA LYS A 88 -3.05 -12.52 6.04
C LYS A 88 -2.99 -11.81 4.70
N ALA A 89 -4.00 -11.02 4.37
CA ALA A 89 -3.97 -10.27 3.11
C ALA A 89 -2.79 -9.30 3.06
N GLY A 90 -2.49 -8.65 4.18
CA GLY A 90 -1.34 -7.76 4.21
C GLY A 90 -0.05 -8.50 3.91
N HIS A 91 0.13 -9.67 4.51
CA HIS A 91 1.33 -10.45 4.24
C HIS A 91 1.42 -10.86 2.78
N ILE A 92 0.29 -11.28 2.20
CA ILE A 92 0.28 -11.65 0.79
C ILE A 92 0.65 -10.46 -0.07
N MET A 93 0.06 -9.30 0.22
CA MET A 93 0.32 -8.11 -0.59
C MET A 93 1.75 -7.65 -0.46
N ARG A 94 2.33 -7.71 0.76
CA ARG A 94 3.75 -7.34 0.89
C ARG A 94 4.61 -8.23 0.01
N ARG A 95 4.39 -9.54 0.06
CA ARG A 95 5.20 -10.46 -0.74
C ARG A 95 5.05 -10.18 -2.22
N PHE A 96 3.81 -9.93 -2.66
CA PHE A 96 3.57 -9.61 -4.05
C PHE A 96 4.30 -8.33 -4.44
N PHE A 97 4.12 -7.27 -3.66
CA PHE A 97 4.80 -6.02 -3.94
C PHE A 97 6.31 -6.21 -4.01
N GLU A 98 6.89 -6.89 -3.03
CA GLU A 98 8.34 -7.04 -3.01
C GLU A 98 8.82 -7.81 -4.23
N SER A 99 8.05 -8.81 -4.67
CA SER A 99 8.45 -9.60 -5.83
CA SER A 99 8.46 -9.60 -5.83
C SER A 99 8.39 -8.77 -7.10
N ARG A 100 7.34 -7.96 -7.27
CA ARG A 100 7.26 -7.12 -8.46
C ARG A 100 8.32 -6.03 -8.45
N TRP A 101 8.56 -5.44 -7.29
CA TRP A 101 9.61 -4.43 -7.19
C TRP A 101 10.97 -5.02 -7.53
N GLU A 102 11.30 -6.17 -6.93
CA GLU A 102 12.63 -6.75 -7.07
C GLU A 102 12.88 -7.25 -8.50
N GLU A 103 11.93 -7.99 -9.06
CA GLU A 103 12.12 -8.50 -10.41
C GLU A 103 12.34 -7.35 -11.38
N PHE A 104 11.64 -6.24 -11.18
CA PHE A 104 11.88 -5.07 -12.02
C PHE A 104 13.28 -4.51 -11.78
N TYR A 105 13.54 -4.02 -10.57
CA TYR A 105 14.80 -3.32 -10.28
C TYR A 105 15.98 -4.24 -9.95
CAA 3WQ B . -16.12 -1.25 11.19
CAA 3WQ B . -16.11 -1.37 11.15
CAO 3WQ B . -14.83 -1.85 11.73
CAO 3WQ B . -14.79 -1.85 11.75
CAP 3WQ B . -13.82 -2.13 10.61
CAP 3WQ B . -13.82 -2.24 10.63
OAQ 3WQ B . -12.60 -2.51 11.19
OAQ 3WQ B . -12.60 -2.61 11.23
CAS 3WQ B . -11.52 -2.58 10.32
CAS 3WQ B . -11.53 -2.65 10.35
CAN 3WQ B . -11.67 -2.77 8.94
CAN 3WQ B . -11.67 -2.81 8.98
CAX 3WQ B . -10.52 -2.84 8.11
CAX 3WQ B . -10.53 -2.83 8.17
CAK 3WQ B . -10.22 -2.47 10.82
CAK 3WQ B . -10.27 -2.51 10.89
CAL 3WQ B . -9.14 -2.54 9.97
CAL 3WQ B . -9.17 -2.53 10.05
NAY 3WQ B . -9.33 -2.72 8.62
NAY 3WQ B . -9.33 -2.68 8.72
CAU 3WQ B . -8.38 -2.82 7.65
CAU 3WQ B . -8.38 -2.73 7.75
CAR 3WQ B . -6.87 -2.72 7.89
CAR 3WQ B . -6.87 -2.58 7.95
OAD 3WQ B . -6.43 -2.68 8.99
OAD 3WQ B . -6.38 -2.41 9.04
CAB 3WQ B . -5.91 -2.66 6.70
CAB 3WQ B . -6.01 -2.56 6.69
CAM 3WQ B . -9.03 -2.99 6.43
CAM 3WQ B . -9.03 -2.87 6.52
CAV 3WQ B . -10.40 -3.00 6.70
CAV 3WQ B . -10.41 -2.94 6.75
CAT 3WQ B . -11.41 -3.19 5.75
CAT 3WQ B . -11.42 -3.18 5.76
CAI 3WQ B . -11.69 -4.48 5.35
CAI 3WQ B . -11.76 -4.49 5.47
CAG 3WQ B . -12.68 -4.73 4.41
CAG 3WQ B . -12.69 -4.84 4.51
CAH 3WQ B . -13.38 -3.68 3.85
CAH 3WQ B . -13.32 -3.85 3.78
CAJ 3WQ B . -13.11 -2.38 4.25
CAJ 3WQ B . -13.02 -2.54 4.04
CAW 3WQ B . -12.13 -2.12 5.19
CAW 3WQ B . -12.10 -2.22 5.00
SAZ 3WQ B . -11.81 -0.41 5.67
SAZ 3WQ B . -11.80 -0.46 5.25
OAE 3WQ B . -10.55 0.04 5.07
OAE 3WQ B . -11.84 -0.17 6.68
OAF 3WQ B . -11.51 -0.33 7.10
OAF 3WQ B . -12.82 0.31 4.56
CAC 3WQ B . -13.21 0.62 5.14
CAC 3WQ B . -10.20 -0.05 4.50
H1 3WQ B . -16.50 -1.85 10.57
H1 3WQ B . -16.47 -2.04 10.62
H2 3WQ B . -16.72 -1.10 11.89
H2 3WQ B . -15.95 -0.61 10.63
H3 3WQ B . -15.94 -0.44 10.76
H3 3WQ B . -16.70 -1.16 11.85
H4 3WQ B . -15.03 -2.65 12.18
H4 3WQ B . -14.41 -1.17 12.27
H5 3WQ B . -14.45 -1.25 12.34
H5 3WQ B . -14.96 -2.60 12.29
H6 3WQ B . -14.15 -2.83 10.07
H6 3WQ B . -13.69 -1.50 10.06
H7 3WQ B . -13.70 -1.36 10.10
H7 3WQ B . -14.17 -2.96 10.15
H8 3WQ B . -12.51 -2.85 8.58
H8 3WQ B . -12.52 -2.92 8.61
H9 3WQ B . -10.08 -2.35 11.73
H9 3WQ B . -10.15 -2.39 11.80
H10 3WQ B . -8.27 -2.47 10.30
H10 3WQ B . -8.33 -2.42 10.41
H11 3WQ B . -6.41 -2.55 5.88
H11 3WQ B . -5.48 -3.37 6.66
H12 3WQ B . -5.39 -3.49 6.66
H12 3WQ B . -6.59 -2.53 5.90
H13 3WQ B . -5.30 -1.91 6.81
H13 3WQ B . -5.43 -1.79 6.70
H14 3WQ B . -8.62 -3.09 5.61
H14 3WQ B . -8.61 -2.96 5.70
H15 3WQ B . -11.22 -5.19 5.71
H15 3WQ B . -11.32 -5.18 5.93
H16 3WQ B . -12.86 -5.61 4.14
H16 3WQ B . -12.87 -5.73 4.34
H17 3WQ B . -14.05 -3.85 3.22
H17 3WQ B . -13.96 -4.08 3.14
H18 3WQ B . -13.59 -1.68 3.88
H18 3WQ B . -13.46 -1.87 3.57
H19 3WQ B . -13.05 0.93 4.26
H19 3WQ B . -9.52 -0.16 5.13
H20 3WQ B . -14.00 0.13 5.16
H20 3WQ B . -10.22 0.84 4.21
H21 3WQ B . -13.29 1.36 5.72
H21 3WQ B . -10.05 -0.62 3.76
C1 EDO C . 3.86 8.66 4.69
O1 EDO C . 3.57 9.13 3.37
C2 EDO C . 3.63 9.74 5.74
O2 EDO C . 2.28 10.18 5.66
H11 EDO C . 4.90 8.32 4.74
H12 EDO C . 3.23 7.79 4.92
HO1 EDO C . 3.72 8.42 2.73
H21 EDO C . 3.84 9.35 6.73
H22 EDO C . 4.31 10.59 5.55
HO2 EDO C . 2.12 10.87 6.31
#